data_8HHL
#
_entry.id   8HHL
#
_cell.length_a   1.00
_cell.length_b   1.00
_cell.length_c   1.00
_cell.angle_alpha   90.00
_cell.angle_beta   90.00
_cell.angle_gamma   90.00
#
_symmetry.space_group_name_H-M   'P 1'
#
loop_
_entity.id
_entity.type
_entity.pdbx_description
1 polymer 'crRNA (56-MER)'
2 polymer 'TS (36-MER)'
3 polymer 'NTS (36-MER)'
4 polymer Cas12m2
5 non-polymer 'MAGNESIUM ION'
6 non-polymer 'ZINC ION'
#
loop_
_entity_poly.entity_id
_entity_poly.type
_entity_poly.pdbx_seq_one_letter_code
_entity_poly.pdbx_strand_id
1 'polyribonucleotide' GUGUCAUAGCCCAGCUUGGCGGGCGAAGGCCAAGACGGAGAUGAGGUGCGCGUGGC B
2 'polydeoxyribonucleotide'
;(DG)(DA)(DT)(DG)(DG)(DT)(DG)(DC)(DC)(DA)(DC)(DG)(DC)(DG)(DC)(DA)(DC)(DC)(DT)(DC)
(DA)(DT)(DC)(DT)(DC)(DC)(DC)(DA)(DA)(DA)(DT)(DA)(DG)(DA)(DC)(DA)
;
C
3 'polydeoxyribonucleotide'
;(DT)(DG)(DT)(DC)(DT)(DA)(DT)(DT)(DT)(DG)(DG)(DG)(DA)(DG)(DA)(DT)(DG)(DA)(DG)(DG)
(DT)(DG)(DC)(DG)(DC)(DG)(DT)(DG)(DG)(DC)(DA)(DC)(DC)(DA)(DT)(DC)
;
D
4 'polypeptide(L)'
;GGMTTMTVHTMGVHYKWQIPEVLRQQLWLAHNLREDLVSLQLAYDDDLKAIWSSYPDVAQAEDTMAAAEADAVALSERVK
QARIEARSKKISTELTQQLRDAKKRLKDARQARRDAIAVVKDDAAERRKARSDQLAADQKALYGQYCRDGDLYWASFNTV
LDHHKTAVKRIAAQRASGKPATLRHHRFDGSGTIAVQLQRQAGAPPRTPMVLADEAGKYRNVLHIPGWTDPDVWEQMTRS
QCRQSGRVTVRMRCGSTDGQPQWIDLPVQVHRWLPADADITGAELVVTRVAGIYRAKLCVTARIGDTEPVTSGPTVALHL
GWRSTEEGTAVATWRSDAPLDIPFGLRTVMRVDAAGTSGIIVVPATIERRLTRTENIASSRSLALDALRDKVVGWLSDND
APTYRDAPLEAATVKQWKSPQRFASLAHAWKDNGTEISDILWAWFSLDRKQWAQQENGRRKALGHRDDLYRQIAAVISDQ
AGHVLVDDTSVAELSARAMERTELPTEVQQKIDRRRDHAAPGGLRASVVAAMTRDGVPVTIVAAADFTRTHSRCGHVNPA
DDRYLSNPVRCDGCGAMYDQDRSFVTLMLRAATAPSNP
;
A
#
# COMPACT_ATOMS: atom_id res chain seq x y z
N MET D 3 -11.39 -10.90 23.81
CA MET D 3 -10.28 -11.72 23.34
C MET D 3 -10.06 -11.47 21.85
N THR D 4 -11.07 -10.88 21.20
CA THR D 4 -11.07 -10.81 19.74
C THR D 4 -9.98 -9.90 19.20
N THR D 5 -9.49 -8.97 20.02
CA THR D 5 -8.63 -7.91 19.50
C THR D 5 -7.28 -8.46 19.07
N MET D 6 -7.04 -8.50 17.77
CA MET D 6 -5.77 -8.97 17.24
C MET D 6 -4.75 -7.84 17.23
N THR D 7 -3.49 -8.20 17.41
CA THR D 7 -2.41 -7.21 17.38
C THR D 7 -1.14 -7.88 16.90
N VAL D 8 -0.18 -7.07 16.48
CA VAL D 8 1.09 -7.56 15.94
C VAL D 8 2.23 -6.82 16.63
N HIS D 9 3.21 -7.57 17.13
CA HIS D 9 4.41 -7.00 17.71
C HIS D 9 5.61 -7.36 16.83
N THR D 10 6.39 -6.35 16.47
CA THR D 10 7.47 -6.51 15.50
C THR D 10 8.82 -6.37 16.18
N MET D 11 9.78 -7.18 15.72
CA MET D 11 11.15 -7.16 16.21
C MET D 11 12.10 -7.02 15.03
N GLY D 12 13.03 -6.07 15.14
CA GLY D 12 13.96 -5.81 14.06
C GLY D 12 15.23 -6.60 14.14
N VAL D 13 15.50 -7.43 13.12
CA VAL D 13 16.69 -8.26 13.11
C VAL D 13 17.93 -7.40 12.97
N HIS D 14 19.05 -7.87 13.52
CA HIS D 14 20.29 -7.13 13.48
C HIS D 14 20.73 -6.88 12.04
N TYR D 15 21.21 -5.67 11.78
CA TYR D 15 21.67 -5.33 10.44
C TYR D 15 22.94 -6.08 10.05
N LYS D 16 23.70 -6.58 11.04
CA LYS D 16 24.86 -7.41 10.77
C LYS D 16 24.49 -8.88 10.70
N TRP D 17 23.48 -9.19 9.89
CA TRP D 17 22.98 -10.54 9.75
C TRP D 17 22.76 -10.81 8.27
N GLN D 18 23.46 -11.80 7.73
CA GLN D 18 23.34 -12.17 6.34
C GLN D 18 22.24 -13.21 6.16
N ILE D 19 21.46 -13.06 5.10
CA ILE D 19 20.36 -13.98 4.81
C ILE D 19 20.94 -15.35 4.49
N PRO D 20 20.54 -16.39 5.20
CA PRO D 20 21.04 -17.74 4.88
C PRO D 20 20.45 -18.25 3.57
N GLU D 21 21.13 -19.26 3.01
CA GLU D 21 20.68 -19.84 1.75
C GLU D 21 19.31 -20.49 1.89
N VAL D 22 19.02 -21.08 3.05
CA VAL D 22 17.73 -21.73 3.26
C VAL D 22 16.61 -20.71 3.17
N LEU D 23 16.80 -19.54 3.78
CA LEU D 23 15.78 -18.50 3.73
C LEU D 23 15.59 -17.99 2.30
N ARG D 24 16.69 -17.83 1.55
CA ARG D 24 16.56 -17.38 0.17
C ARG D 24 15.80 -18.39 -0.67
N GLN D 25 16.08 -19.68 -0.47
CA GLN D 25 15.35 -20.71 -1.20
C GLN D 25 13.88 -20.73 -0.81
N GLN D 26 13.58 -20.49 0.47
CA GLN D 26 12.18 -20.44 0.89
C GLN D 26 11.45 -19.29 0.23
N LEU D 27 12.08 -18.11 0.16
CA LEU D 27 11.45 -16.97 -0.50
C LEU D 27 11.25 -17.23 -1.99
N TRP D 28 12.24 -17.84 -2.64
CA TRP D 28 12.12 -18.18 -4.05
C TRP D 28 10.97 -19.15 -4.29
N LEU D 29 10.85 -20.15 -3.43
CA LEU D 29 9.76 -21.12 -3.56
C LEU D 29 8.40 -20.46 -3.35
N ALA D 30 8.31 -19.54 -2.38
CA ALA D 30 7.04 -18.85 -2.16
C ALA D 30 6.64 -18.00 -3.36
N HIS D 31 7.61 -17.28 -3.94
CA HIS D 31 7.30 -16.48 -5.13
C HIS D 31 6.86 -17.37 -6.29
N ASN D 32 7.54 -18.50 -6.50
CA ASN D 32 7.15 -19.40 -7.57
C ASN D 32 5.75 -19.97 -7.33
N LEU D 33 5.44 -20.29 -6.07
CA LEU D 33 4.12 -20.81 -5.75
C LEU D 33 3.03 -19.79 -6.04
N ARG D 34 3.26 -18.53 -5.68
CA ARG D 34 2.26 -17.51 -5.99
C ARG D 34 2.10 -17.34 -7.49
N GLU D 35 3.20 -17.39 -8.24
CA GLU D 35 3.10 -17.26 -9.69
C GLU D 35 2.32 -18.42 -10.30
N ASP D 36 2.55 -19.64 -9.81
CA ASP D 36 1.78 -20.78 -10.29
C ASP D 36 0.30 -20.63 -9.96
N LEU D 37 0.00 -20.14 -8.75
CA LEU D 37 -1.39 -19.91 -8.38
C LEU D 37 -2.04 -18.88 -9.30
N VAL D 38 -1.32 -17.81 -9.61
CA VAL D 38 -1.87 -16.76 -10.47
C VAL D 38 -2.12 -17.31 -11.88
N SER D 39 -1.19 -18.10 -12.40
CA SER D 39 -1.38 -18.69 -13.73
C SER D 39 -2.60 -19.61 -13.75
N LEU D 40 -2.75 -20.43 -12.71
CA LEU D 40 -3.93 -21.28 -12.63
C LEU D 40 -5.21 -20.47 -12.59
N GLN D 41 -5.20 -19.37 -11.82
CA GLN D 41 -6.40 -18.54 -11.70
C GLN D 41 -6.76 -17.89 -13.03
N LEU D 42 -5.77 -17.40 -13.76
CA LEU D 42 -6.03 -16.78 -15.05
C LEU D 42 -6.57 -17.80 -16.05
N ALA D 43 -6.00 -19.01 -16.06
CA ALA D 43 -6.54 -20.05 -16.93
C ALA D 43 -7.97 -20.40 -16.56
N TYR D 44 -8.27 -20.46 -15.26
CA TYR D 44 -9.62 -20.73 -14.80
C TYR D 44 -10.59 -19.65 -15.24
N ASP D 45 -10.17 -18.38 -15.14
CA ASP D 45 -11.01 -17.28 -15.60
C ASP D 45 -11.28 -17.37 -17.09
N ASP D 46 -10.24 -17.67 -17.88
CA ASP D 46 -10.44 -17.81 -19.32
C ASP D 46 -11.39 -18.96 -19.64
N ASP D 47 -11.28 -20.07 -18.90
CA ASP D 47 -12.19 -21.19 -19.13
C ASP D 47 -13.63 -20.82 -18.79
N LEU D 48 -13.84 -20.06 -17.70
CA LEU D 48 -15.19 -19.62 -17.37
C LEU D 48 -15.75 -18.70 -18.43
N LYS D 49 -14.94 -17.78 -18.94
CA LYS D 49 -15.41 -16.90 -20.01
C LYS D 49 -15.73 -17.70 -21.27
N ALA D 50 -14.94 -18.74 -21.55
CA ALA D 50 -15.24 -19.62 -22.68
C ALA D 50 -16.57 -20.32 -22.48
N ILE D 51 -16.85 -20.73 -21.25
CA ILE D 51 -18.15 -21.34 -20.94
C ILE D 51 -19.27 -20.35 -21.22
N TRP D 52 -19.08 -19.09 -20.82
CA TRP D 52 -20.09 -18.06 -21.06
C TRP D 52 -20.31 -17.84 -22.56
N SER D 53 -19.22 -17.81 -23.34
CA SER D 53 -19.31 -17.51 -24.76
C SER D 53 -19.91 -18.65 -25.58
N SER D 54 -20.11 -19.82 -24.98
CA SER D 54 -20.66 -20.94 -25.73
C SER D 54 -22.10 -20.70 -26.16
N TYR D 55 -22.87 -19.99 -25.34
CA TYR D 55 -24.27 -19.75 -25.65
C TYR D 55 -24.41 -18.77 -26.82
N PRO D 56 -25.44 -18.93 -27.64
CA PRO D 56 -25.55 -18.04 -28.83
C PRO D 56 -25.92 -16.61 -28.48
N ASP D 57 -26.84 -16.41 -27.53
CA ASP D 57 -27.23 -15.07 -27.15
C ASP D 57 -26.06 -14.29 -26.58
N VAL D 58 -25.27 -14.93 -25.71
CA VAL D 58 -24.09 -14.28 -25.16
C VAL D 58 -23.08 -14.00 -26.26
N ALA D 59 -22.98 -14.87 -27.25
CA ALA D 59 -22.07 -14.63 -28.36
C ALA D 59 -22.49 -13.40 -29.16
N GLN D 60 -23.78 -13.27 -29.44
CA GLN D 60 -24.27 -12.09 -30.15
C GLN D 60 -24.03 -10.82 -29.34
N ALA D 61 -24.30 -10.88 -28.03
CA ALA D 61 -24.03 -9.72 -27.18
C ALA D 61 -22.55 -9.36 -27.19
N GLU D 62 -21.68 -10.37 -27.19
CA GLU D 62 -20.24 -10.13 -27.23
C GLU D 62 -19.83 -9.48 -28.54
N ASP D 63 -20.42 -9.92 -29.66
CA ASP D 63 -20.12 -9.29 -30.95
C ASP D 63 -20.54 -7.84 -30.96
N THR D 64 -21.74 -7.54 -30.45
CA THR D 64 -22.20 -6.16 -30.38
C THR D 64 -21.28 -5.33 -29.50
N MET D 65 -20.88 -5.87 -28.35
CA MET D 65 -19.98 -5.16 -27.46
C MET D 65 -18.63 -4.92 -28.10
N ALA D 66 -18.12 -5.89 -28.87
CA ALA D 66 -16.85 -5.72 -29.55
C ALA D 66 -16.93 -4.61 -30.60
N ALA D 67 -18.02 -4.58 -31.37
CA ALA D 67 -18.18 -3.51 -32.35
C ALA D 67 -18.27 -2.14 -31.68
N ALA D 68 -19.03 -2.06 -30.59
CA ALA D 68 -19.14 -0.79 -29.86
C ALA D 68 -17.79 -0.37 -29.30
N GLU D 69 -17.02 -1.31 -28.77
CA GLU D 69 -15.70 -0.99 -28.24
C GLU D 69 -14.76 -0.52 -29.34
N ALA D 70 -14.84 -1.14 -30.52
CA ALA D 70 -14.00 -0.69 -31.64
C ALA D 70 -14.34 0.75 -32.03
N ASP D 71 -15.64 1.06 -32.12
CA ASP D 71 -16.03 2.43 -32.43
C ASP D 71 -15.55 3.40 -31.36
N ALA D 72 -15.68 3.00 -30.09
CA ALA D 72 -15.28 3.87 -29.00
C ALA D 72 -13.78 4.14 -29.01
N VAL D 73 -12.98 3.10 -29.27
CA VAL D 73 -11.53 3.29 -29.26
C VAL D 73 -11.09 4.12 -30.46
N ALA D 74 -11.76 3.95 -31.61
CA ALA D 74 -11.45 4.79 -32.76
C ALA D 74 -11.75 6.26 -32.47
N LEU D 75 -12.90 6.52 -31.85
CA LEU D 75 -13.25 7.90 -31.53
C LEU D 75 -12.32 8.47 -30.46
N SER D 76 -11.88 7.63 -29.52
CA SER D 76 -10.92 8.09 -28.52
C SER D 76 -9.58 8.45 -29.16
N GLU D 77 -9.14 7.65 -30.14
CA GLU D 77 -7.92 7.99 -30.86
C GLU D 77 -8.07 9.32 -31.60
N ARG D 78 -9.23 9.53 -32.23
CA ARG D 78 -9.44 10.80 -32.93
C ARG D 78 -9.45 11.97 -31.95
N VAL D 79 -10.07 11.79 -30.78
CA VAL D 79 -10.09 12.86 -29.78
C VAL D 79 -8.68 13.17 -29.30
N LYS D 80 -7.87 12.13 -29.05
CA LYS D 80 -6.50 12.36 -28.63
C LYS D 80 -5.70 13.09 -29.71
N GLN D 81 -5.90 12.70 -30.97
CA GLN D 81 -5.20 13.37 -32.06
C GLN D 81 -5.59 14.83 -32.15
N ALA D 82 -6.90 15.12 -32.02
CA ALA D 82 -7.35 16.51 -32.06
C ALA D 82 -6.78 17.32 -30.90
N ARG D 83 -6.74 16.71 -29.71
CA ARG D 83 -6.15 17.40 -28.55
C ARG D 83 -4.68 17.70 -28.79
N ILE D 84 -3.95 16.75 -29.37
CA ILE D 84 -2.54 16.98 -29.69
C ILE D 84 -2.39 18.12 -30.68
N GLU D 85 -3.22 18.12 -31.73
CA GLU D 85 -3.13 19.17 -32.74
C GLU D 85 -3.44 20.54 -32.15
N ALA D 86 -4.49 20.63 -31.32
CA ALA D 86 -4.86 21.90 -30.73
C ALA D 86 -3.93 22.32 -29.60
N ARG D 87 -3.10 21.41 -29.09
CA ARG D 87 -2.15 21.69 -28.01
C ARG D 87 -2.88 22.22 -26.78
N SER D 88 -4.07 21.68 -26.53
CA SER D 88 -4.88 22.07 -25.38
C SER D 88 -5.96 21.02 -25.19
N LYS D 89 -6.76 21.20 -24.16
CA LYS D 89 -7.88 20.30 -23.87
C LYS D 89 -9.20 20.79 -24.46
N LYS D 90 -9.19 21.91 -25.17
CA LYS D 90 -10.39 22.48 -25.77
C LYS D 90 -10.42 22.11 -27.25
N ILE D 91 -11.32 21.19 -27.61
CA ILE D 91 -11.45 20.71 -28.97
C ILE D 91 -12.88 20.96 -29.43
N SER D 92 -13.16 20.54 -30.67
CA SER D 92 -14.48 20.70 -31.26
C SER D 92 -15.53 19.96 -30.44
N THR D 93 -16.66 20.64 -30.18
CA THR D 93 -17.71 20.04 -29.36
C THR D 93 -18.32 18.82 -30.02
N GLU D 94 -18.27 18.74 -31.35
CA GLU D 94 -18.82 17.59 -32.05
C GLU D 94 -18.06 16.32 -31.71
N LEU D 95 -16.73 16.40 -31.61
CA LEU D 95 -15.94 15.22 -31.26
C LEU D 95 -16.29 14.71 -29.87
N THR D 96 -16.46 15.62 -28.91
CA THR D 96 -16.83 15.21 -27.57
C THR D 96 -18.20 14.53 -27.55
N GLN D 97 -19.15 15.05 -28.31
CA GLN D 97 -20.48 14.43 -28.35
C GLN D 97 -20.42 13.06 -29.00
N GLN D 98 -19.66 12.91 -30.09
CA GLN D 98 -19.51 11.59 -30.70
C GLN D 98 -18.87 10.62 -29.73
N LEU D 99 -17.84 11.06 -29.00
CA LEU D 99 -17.18 10.18 -28.04
C LEU D 99 -18.13 9.77 -26.92
N ARG D 100 -18.93 10.72 -26.42
CA ARG D 100 -19.90 10.40 -25.37
C ARG D 100 -20.95 9.41 -25.87
N ASP D 101 -21.43 9.61 -27.10
CA ASP D 101 -22.43 8.69 -27.64
C ASP D 101 -21.84 7.28 -27.81
N ALA D 102 -20.61 7.20 -28.31
CA ALA D 102 -19.97 5.89 -28.47
C ALA D 102 -19.78 5.22 -27.11
N LYS D 103 -19.37 5.97 -26.09
CA LYS D 103 -19.18 5.39 -24.77
C LYS D 103 -20.51 4.92 -24.18
N LYS D 104 -21.58 5.69 -24.38
CA LYS D 104 -22.89 5.27 -23.90
C LYS D 104 -23.35 3.99 -24.60
N ARG D 105 -23.13 3.90 -25.92
CA ARG D 105 -23.48 2.67 -26.64
C ARG D 105 -22.68 1.49 -26.13
N LEU D 106 -21.38 1.70 -25.86
CA LEU D 106 -20.56 0.62 -25.34
C LEU D 106 -21.04 0.16 -23.98
N LYS D 107 -21.40 1.10 -23.10
CA LYS D 107 -21.92 0.73 -21.78
C LYS D 107 -23.22 -0.05 -21.90
N ASP D 108 -24.11 0.38 -22.81
CA ASP D 108 -25.35 -0.35 -23.02
C ASP D 108 -25.09 -1.76 -23.54
N ALA D 109 -24.13 -1.91 -24.45
CA ALA D 109 -23.80 -3.23 -24.97
C ALA D 109 -23.24 -4.13 -23.87
N ARG D 110 -22.40 -3.58 -23.00
CA ARG D 110 -21.88 -4.36 -21.88
C ARG D 110 -23.00 -4.79 -20.94
N GLN D 111 -23.94 -3.89 -20.67
CA GLN D 111 -25.08 -4.26 -19.83
C GLN D 111 -25.92 -5.33 -20.49
N ALA D 112 -26.08 -5.26 -21.81
CA ALA D 112 -26.81 -6.31 -22.52
C ALA D 112 -26.10 -7.65 -22.41
N ARG D 113 -24.77 -7.64 -22.51
CA ARG D 113 -24.02 -8.88 -22.31
C ARG D 113 -24.21 -9.42 -20.90
N ARG D 114 -24.22 -8.54 -19.90
CA ARG D 114 -24.45 -8.98 -18.54
C ARG D 114 -25.84 -9.61 -18.38
N ASP D 115 -26.85 -9.02 -19.00
CA ASP D 115 -28.19 -9.61 -18.95
C ASP D 115 -28.24 -10.96 -19.65
N ALA D 116 -27.55 -11.08 -20.79
CA ALA D 116 -27.49 -12.35 -21.50
C ALA D 116 -26.80 -13.41 -20.66
N ILE D 117 -25.78 -13.02 -19.89
CA ILE D 117 -25.18 -13.96 -18.95
C ILE D 117 -26.17 -14.32 -17.86
N ALA D 118 -26.92 -13.34 -17.36
CA ALA D 118 -27.81 -13.56 -16.22
C ALA D 118 -28.93 -14.53 -16.57
N VAL D 119 -29.48 -14.43 -17.79
CA VAL D 119 -30.62 -15.30 -18.13
C VAL D 119 -30.19 -16.76 -18.19
N VAL D 120 -29.00 -17.04 -18.73
CA VAL D 120 -28.52 -18.40 -18.88
C VAL D 120 -27.57 -18.79 -17.74
N LYS D 121 -27.63 -18.07 -16.61
CA LYS D 121 -26.71 -18.34 -15.52
C LYS D 121 -26.95 -19.72 -14.91
N ASP D 122 -28.21 -20.14 -14.81
CA ASP D 122 -28.53 -21.40 -14.14
C ASP D 122 -28.10 -22.63 -14.93
N ASP D 123 -27.96 -22.51 -16.25
CA ASP D 123 -27.65 -23.66 -17.10
C ASP D 123 -26.16 -23.97 -17.16
N ALA D 124 -25.30 -23.07 -16.71
CA ALA D 124 -23.86 -23.29 -16.72
C ALA D 124 -23.31 -23.62 -15.33
N ALA D 125 -24.20 -23.81 -14.35
CA ALA D 125 -23.75 -24.05 -12.98
C ALA D 125 -22.96 -25.34 -12.88
N GLU D 126 -23.41 -26.40 -13.56
CA GLU D 126 -22.71 -27.68 -13.51
C GLU D 126 -21.31 -27.56 -14.08
N ARG D 127 -21.17 -26.91 -15.25
CA ARG D 127 -19.85 -26.78 -15.85
C ARG D 127 -18.94 -25.91 -15.00
N ARG D 128 -19.48 -24.83 -14.43
CA ARG D 128 -18.65 -23.97 -13.58
C ARG D 128 -18.22 -24.71 -12.32
N LYS D 129 -19.10 -25.53 -11.74
CA LYS D 129 -18.72 -26.33 -10.59
C LYS D 129 -17.63 -27.34 -10.95
N ALA D 130 -17.74 -27.97 -12.12
CA ALA D 130 -16.73 -28.91 -12.55
C ALA D 130 -15.38 -28.23 -12.72
N ARG D 131 -15.38 -27.04 -13.31
CA ARG D 131 -14.12 -26.31 -13.49
C ARG D 131 -13.55 -25.89 -12.14
N SER D 132 -14.42 -25.50 -11.20
CA SER D 132 -13.95 -25.16 -9.85
C SER D 132 -13.31 -26.37 -9.16
N ASP D 133 -13.92 -27.54 -9.33
CA ASP D 133 -13.33 -28.76 -8.78
C ASP D 133 -11.97 -29.04 -9.40
N GLN D 134 -11.85 -28.84 -10.71
CA GLN D 134 -10.55 -29.03 -11.36
C GLN D 134 -9.51 -28.05 -10.81
N LEU D 135 -9.92 -26.80 -10.58
CA LEU D 135 -9.00 -25.83 -10.00
C LEU D 135 -8.55 -26.23 -8.60
N ALA D 136 -9.49 -26.72 -7.78
CA ALA D 136 -9.14 -27.17 -6.44
C ALA D 136 -8.19 -28.36 -6.49
N ALA D 137 -8.41 -29.27 -7.43
CA ALA D 137 -7.51 -30.40 -7.59
C ALA D 137 -6.11 -29.94 -7.98
N ASP D 138 -6.01 -28.97 -8.89
CA ASP D 138 -4.71 -28.44 -9.27
C ASP D 138 -4.03 -27.75 -8.09
N GLN D 139 -4.79 -27.03 -7.27
CA GLN D 139 -4.21 -26.40 -6.09
C GLN D 139 -3.69 -27.44 -5.10
N LYS D 140 -4.42 -28.54 -4.94
CA LYS D 140 -3.92 -29.64 -4.09
C LYS D 140 -2.64 -30.24 -4.66
N ALA D 141 -2.58 -30.42 -5.99
CA ALA D 141 -1.37 -30.90 -6.61
C ALA D 141 -0.20 -29.94 -6.39
N LEU D 142 -0.48 -28.64 -6.29
CA LEU D 142 0.56 -27.69 -5.95
C LEU D 142 1.14 -27.94 -4.57
N TYR D 143 0.30 -28.25 -3.58
CA TYR D 143 0.83 -28.65 -2.28
C TYR D 143 1.63 -29.93 -2.36
N GLY D 144 1.16 -30.88 -3.16
CA GLY D 144 1.91 -32.11 -3.34
C GLY D 144 3.30 -31.86 -3.90
N GLN D 145 3.39 -30.96 -4.88
CA GLN D 145 4.67 -30.67 -5.52
C GLN D 145 5.58 -29.82 -4.65
N TYR D 146 5.03 -28.81 -3.97
CA TYR D 146 5.85 -27.82 -3.29
C TYR D 146 6.23 -28.19 -1.87
N CYS D 147 5.39 -28.97 -1.18
CA CYS D 147 5.64 -29.30 0.21
C CYS D 147 5.88 -30.78 0.44
N ARG D 148 5.02 -31.65 -0.10
CA ARG D 148 5.21 -33.09 0.11
C ARG D 148 6.48 -33.57 -0.57
N ASP D 149 6.75 -33.11 -1.79
CA ASP D 149 7.96 -33.45 -2.51
C ASP D 149 8.93 -32.29 -2.63
N GLY D 150 8.66 -31.18 -1.93
CA GLY D 150 9.48 -29.99 -2.02
C GLY D 150 9.97 -29.54 -0.65
N ASP D 151 10.75 -28.47 -0.67
CA ASP D 151 11.37 -27.92 0.52
C ASP D 151 10.62 -26.71 1.07
N LEU D 152 9.39 -26.47 0.64
CA LEU D 152 8.62 -25.35 1.14
C LEU D 152 7.93 -25.75 2.45
N TYR D 153 8.06 -24.90 3.45
CA TYR D 153 7.40 -25.15 4.73
C TYR D 153 5.90 -25.04 4.55
N TRP D 154 5.17 -25.96 5.19
CA TRP D 154 3.71 -26.01 5.00
C TRP D 154 3.03 -24.76 5.51
N ALA D 155 3.64 -24.05 6.46
CA ALA D 155 3.05 -22.81 6.94
C ALA D 155 3.12 -21.72 5.88
N SER D 156 4.25 -21.62 5.17
CA SER D 156 4.37 -20.63 4.11
C SER D 156 3.42 -20.93 2.96
N PHE D 157 3.27 -22.22 2.61
CA PHE D 157 2.32 -22.59 1.57
C PHE D 157 0.91 -22.19 1.94
N ASN D 158 0.52 -22.47 3.19
CA ASN D 158 -0.83 -22.12 3.63
C ASN D 158 -1.03 -20.63 3.65
N THR D 159 -0.02 -19.87 4.09
CA THR D 159 -0.12 -18.41 4.09
C THR D 159 -0.34 -17.89 2.68
N VAL D 160 0.46 -18.37 1.72
CA VAL D 160 0.34 -17.89 0.35
C VAL D 160 -1.02 -18.27 -0.23
N LEU D 161 -1.48 -19.50 0.02
CA LEU D 161 -2.76 -19.93 -0.53
C LEU D 161 -3.91 -19.14 0.05
N ASP D 162 -3.89 -18.87 1.36
CA ASP D 162 -4.94 -18.05 1.96
C ASP D 162 -4.92 -16.63 1.41
N HIS D 163 -3.73 -16.05 1.26
CA HIS D 163 -3.63 -14.72 0.69
C HIS D 163 -4.20 -14.67 -0.73
N HIS D 164 -3.87 -15.69 -1.54
CA HIS D 164 -4.37 -15.73 -2.91
C HIS D 164 -5.88 -15.88 -2.95
N LYS D 165 -6.44 -16.73 -2.07
CA LYS D 165 -7.88 -16.91 -2.06
C LYS D 165 -8.59 -15.63 -1.63
N THR D 166 -8.03 -14.92 -0.66
CA THR D 166 -8.59 -13.63 -0.27
C THR D 166 -8.52 -12.63 -1.43
N ALA D 167 -7.40 -12.65 -2.17
CA ALA D 167 -7.26 -11.75 -3.32
C ALA D 167 -8.32 -12.04 -4.38
N VAL D 168 -8.57 -13.31 -4.69
CA VAL D 168 -9.57 -13.61 -5.71
C VAL D 168 -10.97 -13.28 -5.20
N LYS D 169 -11.22 -13.44 -3.90
CA LYS D 169 -12.51 -13.01 -3.35
C LYS D 169 -12.70 -11.51 -3.50
N ARG D 170 -11.66 -10.74 -3.22
CA ARG D 170 -11.74 -9.29 -3.37
C ARG D 170 -11.95 -8.91 -4.83
N ILE D 171 -11.26 -9.60 -5.75
CA ILE D 171 -11.41 -9.30 -7.18
C ILE D 171 -12.83 -9.60 -7.63
N ALA D 172 -13.40 -10.73 -7.20
CA ALA D 172 -14.76 -11.06 -7.58
C ALA D 172 -15.76 -10.05 -7.01
N ALA D 173 -15.55 -9.63 -5.76
CA ALA D 173 -16.43 -8.62 -5.17
C ALA D 173 -16.34 -7.30 -5.93
N GLN D 174 -15.14 -6.90 -6.33
CA GLN D 174 -14.98 -5.68 -7.11
C GLN D 174 -15.67 -5.79 -8.48
N ARG D 175 -15.46 -6.91 -9.17
CA ARG D 175 -16.07 -7.08 -10.48
C ARG D 175 -17.60 -7.16 -10.39
N ALA D 176 -18.12 -7.60 -9.25
CA ALA D 176 -19.57 -7.62 -9.07
C ALA D 176 -20.14 -6.21 -9.07
N SER D 177 -19.45 -5.27 -8.43
CA SER D 177 -19.91 -3.88 -8.42
C SER D 177 -19.88 -3.29 -9.82
N GLY D 178 -18.84 -3.59 -10.59
CA GLY D 178 -18.73 -3.08 -11.94
C GLY D 178 -17.40 -2.42 -12.23
N LYS D 179 -16.42 -2.64 -11.36
CA LYS D 179 -15.10 -2.04 -11.48
C LYS D 179 -14.08 -3.07 -11.92
N PRO D 180 -13.10 -2.69 -12.73
CA PRO D 180 -12.13 -3.66 -13.23
C PRO D 180 -11.09 -4.05 -12.19
N ALA D 181 -10.70 -5.32 -12.22
CA ALA D 181 -9.63 -5.84 -11.37
C ALA D 181 -9.18 -7.18 -11.93
N THR D 182 -7.87 -7.42 -11.90
CA THR D 182 -7.32 -8.67 -12.39
C THR D 182 -6.02 -8.97 -11.66
N LEU D 183 -5.66 -10.26 -11.63
CA LEU D 183 -4.40 -10.68 -11.04
C LEU D 183 -3.25 -10.39 -11.99
N ARG D 184 -2.10 -10.07 -11.42
CA ARG D 184 -0.94 -9.68 -12.21
C ARG D 184 0.31 -10.41 -11.71
N HIS D 185 1.28 -10.57 -12.60
CA HIS D 185 2.51 -11.27 -12.29
C HIS D 185 3.54 -10.27 -11.80
N HIS D 186 4.03 -10.49 -10.59
CA HIS D 186 5.11 -9.67 -10.05
C HIS D 186 6.45 -10.36 -10.29
N ARG D 187 7.51 -9.58 -10.26
CA ARG D 187 8.85 -10.05 -10.57
C ARG D 187 9.65 -10.21 -9.28
N PHE D 188 10.24 -11.38 -9.10
CA PHE D 188 11.01 -11.66 -7.90
C PHE D 188 12.28 -10.82 -7.85
N ASP D 189 12.62 -10.34 -6.66
CA ASP D 189 13.83 -9.55 -6.45
C ASP D 189 14.64 -9.97 -5.24
N GLY D 190 14.10 -10.82 -4.37
CA GLY D 190 14.78 -11.19 -3.14
C GLY D 190 14.01 -10.85 -1.88
N SER D 191 12.86 -10.21 -1.99
CA SER D 191 12.01 -9.89 -0.87
C SER D 191 10.88 -10.91 -0.77
N GLY D 192 10.30 -11.02 0.43
CA GLY D 192 9.21 -11.96 0.61
C GLY D 192 8.89 -12.14 2.07
N THR D 193 8.15 -13.22 2.36
CA THR D 193 7.71 -13.50 3.72
C THR D 193 7.69 -15.00 3.93
N ILE D 194 8.14 -15.44 5.11
CA ILE D 194 8.04 -16.84 5.51
C ILE D 194 7.25 -16.90 6.81
N ALA D 195 6.31 -17.84 6.87
CA ALA D 195 5.34 -17.89 7.95
C ALA D 195 5.56 -19.10 8.85
N VAL D 196 5.14 -18.96 10.10
CA VAL D 196 5.13 -20.03 11.08
C VAL D 196 3.78 -19.95 11.80
N GLN D 197 3.08 -21.08 11.89
CA GLN D 197 1.78 -21.15 12.52
C GLN D 197 1.84 -21.98 13.79
N LEU D 198 1.20 -21.49 14.84
CA LEU D 198 1.16 -22.16 16.14
C LEU D 198 -0.23 -22.76 16.30
N GLN D 199 -0.36 -24.05 16.03
CA GLN D 199 -1.66 -24.72 16.10
C GLN D 199 -2.09 -24.93 17.54
N ARG D 200 -3.37 -24.73 17.80
CA ARG D 200 -3.95 -24.97 19.12
C ARG D 200 -5.18 -25.84 18.95
N GLN D 201 -5.11 -27.08 19.41
CA GLN D 201 -6.21 -28.01 19.27
C GLN D 201 -7.28 -27.72 20.31
N ALA D 202 -8.34 -28.54 20.28
CA ALA D 202 -9.40 -28.41 21.27
C ALA D 202 -8.90 -28.88 22.63
N GLY D 203 -9.14 -28.08 23.66
CA GLY D 203 -8.66 -28.41 24.98
C GLY D 203 -7.18 -28.23 25.20
N ALA D 204 -6.53 -27.42 24.38
CA ALA D 204 -5.12 -27.14 24.56
C ALA D 204 -4.92 -25.87 25.36
N PRO D 205 -3.83 -25.77 26.13
CA PRO D 205 -3.59 -24.56 26.90
C PRO D 205 -3.29 -23.38 26.00
N PRO D 206 -3.56 -22.16 26.44
CA PRO D 206 -3.32 -20.99 25.60
C PRO D 206 -1.85 -20.86 25.23
N ARG D 207 -1.61 -20.34 24.02
CA ARG D 207 -0.24 -20.13 23.56
C ARG D 207 0.31 -18.82 24.10
N THR D 208 0.38 -18.69 25.42
CA THR D 208 0.80 -17.46 26.05
C THR D 208 2.25 -17.17 25.70
N PRO D 209 2.67 -15.90 25.83
CA PRO D 209 4.09 -15.60 25.57
C PRO D 209 5.04 -16.36 26.46
N MET D 210 4.62 -16.73 27.67
CA MET D 210 5.49 -17.48 28.56
C MET D 210 5.76 -18.88 28.03
N VAL D 211 4.87 -19.41 27.19
CA VAL D 211 5.13 -20.70 26.56
C VAL D 211 6.25 -20.58 25.53
N LEU D 212 6.27 -19.49 24.76
CA LEU D 212 7.25 -19.35 23.71
C LEU D 212 8.65 -19.10 24.26
N ALA D 213 8.75 -18.61 25.50
CA ALA D 213 10.05 -18.38 26.10
C ALA D 213 10.67 -19.63 26.68
N ASP D 214 9.90 -20.71 26.81
CA ASP D 214 10.41 -21.94 27.40
C ASP D 214 11.27 -22.71 26.40
N GLU D 215 12.40 -23.22 26.89
CA GLU D 215 13.30 -23.97 26.02
C GLU D 215 12.71 -25.31 25.62
N ALA D 216 11.91 -25.92 26.49
CA ALA D 216 11.29 -27.21 26.23
C ALA D 216 9.77 -27.09 26.19
N GLY D 217 9.28 -26.02 25.58
CA GLY D 217 7.86 -25.80 25.45
C GLY D 217 7.25 -26.63 24.33
N LYS D 218 5.94 -26.44 24.16
CA LYS D 218 5.23 -27.18 23.12
C LYS D 218 5.69 -26.77 21.72
N TYR D 219 6.10 -25.52 21.55
CA TYR D 219 6.51 -24.98 20.26
C TYR D 219 8.00 -24.65 20.23
N ARG D 220 8.82 -25.43 20.94
CA ARG D 220 10.25 -25.17 20.97
C ARG D 220 10.88 -25.36 19.60
N ASN D 221 10.32 -26.24 18.78
CA ASN D 221 10.85 -26.54 17.46
C ASN D 221 10.06 -25.87 16.34
N VAL D 222 9.18 -24.94 16.69
CA VAL D 222 8.46 -24.13 15.72
C VAL D 222 8.85 -22.66 15.82
N LEU D 223 8.91 -22.12 17.04
CA LEU D 223 9.27 -20.73 17.25
C LEU D 223 9.65 -20.56 18.71
N HIS D 224 10.81 -19.95 18.96
CA HIS D 224 11.32 -19.77 20.31
C HIS D 224 11.73 -18.33 20.50
N ILE D 225 11.07 -17.64 21.41
CA ILE D 225 11.37 -16.23 21.71
C ILE D 225 11.77 -16.13 23.18
N PRO D 226 13.06 -16.25 23.50
CA PRO D 226 13.47 -16.26 24.90
C PRO D 226 13.47 -14.86 25.51
N GLY D 227 13.48 -14.84 26.84
CA GLY D 227 13.65 -13.59 27.56
C GLY D 227 12.43 -12.70 27.64
N TRP D 228 11.24 -13.28 27.66
CA TRP D 228 10.03 -12.48 27.78
C TRP D 228 9.92 -11.86 29.17
N THR D 229 9.58 -10.58 29.23
CA THR D 229 9.42 -9.85 30.48
C THR D 229 8.01 -9.28 30.54
N ASP D 230 7.44 -9.25 31.73
CA ASP D 230 6.10 -8.71 31.90
C ASP D 230 6.08 -7.24 31.51
N PRO D 231 5.06 -6.80 30.77
CA PRO D 231 5.01 -5.37 30.39
C PRO D 231 4.99 -4.42 31.57
N ASP D 232 4.36 -4.79 32.68
CA ASP D 232 4.38 -3.94 33.86
C ASP D 232 5.80 -3.75 34.38
N VAL D 233 6.56 -4.85 34.48
CA VAL D 233 7.95 -4.75 34.87
C VAL D 233 8.79 -4.11 33.77
N TRP D 234 8.44 -4.37 32.51
CA TRP D 234 9.19 -3.82 31.40
C TRP D 234 9.14 -2.30 31.37
N GLU D 235 7.97 -1.72 31.67
CA GLU D 235 7.81 -0.28 31.59
C GLU D 235 8.48 0.46 32.75
N GLN D 236 8.88 -0.24 33.80
CA GLN D 236 9.60 0.41 34.89
C GLN D 236 11.10 0.53 34.61
N MET D 237 11.64 -0.35 33.76
CA MET D 237 13.07 -0.32 33.47
C MET D 237 13.43 0.90 32.64
N THR D 238 14.67 1.35 32.80
CA THR D 238 15.17 2.44 31.98
C THR D 238 15.37 1.97 30.54
N ARG D 239 15.40 2.93 29.62
CA ARG D 239 15.54 2.59 28.21
C ARG D 239 16.87 1.88 27.94
N SER D 240 17.91 2.18 28.73
CA SER D 240 19.18 1.50 28.57
C SER D 240 19.04 0.00 28.85
N GLN D 241 18.47 -0.34 30.01
CA GLN D 241 18.24 -1.74 30.34
C GLN D 241 17.25 -2.39 29.39
N CYS D 242 16.23 -1.64 28.96
CA CYS D 242 15.25 -2.18 28.03
C CYS D 242 15.89 -2.56 26.71
N ARG D 243 16.80 -1.73 26.21
CA ARG D 243 17.45 -2.06 24.94
C ARG D 243 18.54 -3.12 25.11
N GLN D 244 19.21 -3.15 26.26
CA GLN D 244 20.22 -4.20 26.46
C GLN D 244 19.58 -5.57 26.63
N SER D 245 18.47 -5.64 27.36
CA SER D 245 17.82 -6.92 27.62
C SER D 245 16.92 -7.37 26.47
N GLY D 246 16.56 -6.47 25.57
CA GLY D 246 15.70 -6.84 24.46
C GLY D 246 16.39 -7.49 23.30
N ARG D 247 17.70 -7.69 23.38
CA ARG D 247 18.48 -8.32 22.33
C ARG D 247 18.46 -9.82 22.55
N VAL D 248 17.64 -10.53 21.79
CA VAL D 248 17.48 -11.96 21.95
C VAL D 248 17.76 -12.65 20.62
N THR D 249 17.83 -13.98 20.67
CA THR D 249 18.07 -14.82 19.50
C THR D 249 16.87 -15.72 19.30
N VAL D 250 16.03 -15.38 18.32
CA VAL D 250 14.81 -16.13 18.04
C VAL D 250 15.15 -17.28 17.10
N ARG D 251 14.85 -18.51 17.53
CA ARG D 251 15.03 -19.67 16.67
C ARG D 251 13.72 -19.99 15.99
N MET D 252 13.73 -20.02 14.66
CA MET D 252 12.52 -20.12 13.87
C MET D 252 12.67 -21.23 12.83
N ARG D 253 11.61 -22.03 12.67
CA ARG D 253 11.61 -23.05 11.64
C ARG D 253 11.64 -22.40 10.26
N CYS D 254 12.47 -22.95 9.37
CA CYS D 254 12.69 -22.39 8.05
C CYS D 254 12.61 -23.46 6.98
N GLY D 255 11.57 -24.27 7.02
CA GLY D 255 11.36 -25.26 5.99
C GLY D 255 12.37 -26.39 6.05
N SER D 256 12.39 -27.16 4.97
CA SER D 256 13.25 -28.33 4.84
C SER D 256 14.36 -28.06 3.84
N THR D 257 15.27 -29.04 3.74
CA THR D 257 16.32 -29.02 2.73
C THR D 257 16.64 -30.47 2.40
N ASP D 258 16.20 -30.93 1.24
CA ASP D 258 16.29 -32.34 0.87
C ASP D 258 15.67 -33.23 1.94
N GLY D 259 14.50 -32.83 2.44
CA GLY D 259 13.80 -33.57 3.46
C GLY D 259 14.32 -33.38 4.87
N GLN D 260 15.32 -32.53 5.07
CA GLN D 260 15.91 -32.33 6.39
C GLN D 260 15.46 -30.98 6.95
N PRO D 261 14.68 -30.95 8.03
CA PRO D 261 14.21 -29.67 8.57
C PRO D 261 15.36 -28.78 8.99
N GLN D 262 15.18 -27.48 8.79
CA GLN D 262 16.21 -26.49 9.07
C GLN D 262 15.63 -25.36 9.91
N TRP D 263 16.48 -24.75 10.73
CA TRP D 263 16.09 -23.67 11.62
C TRP D 263 17.07 -22.51 11.47
N ILE D 264 16.59 -21.30 11.72
CA ILE D 264 17.38 -20.09 11.60
C ILE D 264 17.34 -19.34 12.92
N ASP D 265 18.49 -18.78 13.31
CA ASP D 265 18.62 -18.01 14.55
C ASP D 265 18.75 -16.53 14.18
N LEU D 266 17.69 -15.76 14.42
CA LEU D 266 17.64 -14.35 14.09
C LEU D 266 17.99 -13.54 15.33
N PRO D 267 19.05 -12.75 15.32
CA PRO D 267 19.31 -11.82 16.43
C PRO D 267 18.42 -10.59 16.31
N VAL D 268 17.41 -10.51 17.17
CA VAL D 268 16.40 -9.46 17.08
C VAL D 268 16.48 -8.57 18.31
N GLN D 269 15.98 -7.34 18.13
CA GLN D 269 15.91 -6.33 19.17
C GLN D 269 14.45 -6.05 19.47
N VAL D 270 14.04 -6.26 20.72
CA VAL D 270 12.65 -6.15 21.13
C VAL D 270 12.52 -4.94 22.04
N HIS D 271 11.55 -4.07 21.74
CA HIS D 271 11.27 -2.91 22.55
C HIS D 271 10.05 -3.07 23.43
N ARG D 272 9.08 -3.89 23.04
CA ARG D 272 7.90 -4.12 23.84
C ARG D 272 7.56 -5.60 23.84
N TRP D 273 6.89 -6.04 24.89
CA TRP D 273 6.49 -7.44 25.05
C TRP D 273 4.97 -7.53 25.03
N LEU D 274 4.48 -8.75 25.07
CA LEU D 274 3.06 -9.01 24.99
C LEU D 274 2.50 -9.36 26.37
N PRO D 275 1.21 -9.12 26.60
CA PRO D 275 0.63 -9.43 27.91
C PRO D 275 0.69 -10.92 28.22
N ALA D 276 0.73 -11.23 29.51
CA ALA D 276 0.80 -12.62 29.95
C ALA D 276 -0.44 -13.41 29.55
N ASP D 277 -1.53 -12.74 29.20
CA ASP D 277 -2.76 -13.40 28.78
C ASP D 277 -2.93 -13.40 27.26
N ALA D 278 -1.88 -13.10 26.51
CA ALA D 278 -1.95 -13.12 25.06
C ALA D 278 -2.08 -14.55 24.55
N ASP D 279 -2.33 -14.69 23.25
CA ASP D 279 -2.49 -16.00 22.63
C ASP D 279 -1.83 -15.91 21.25
N ILE D 280 -0.55 -16.30 21.20
CA ILE D 280 0.23 -16.18 19.98
C ILE D 280 -0.32 -17.13 18.93
N THR D 281 -0.85 -16.57 17.85
CA THR D 281 -1.42 -17.38 16.78
C THR D 281 -0.43 -17.70 15.67
N GLY D 282 0.67 -16.96 15.57
CA GLY D 282 1.65 -17.23 14.55
C GLY D 282 2.63 -16.09 14.42
N ALA D 283 3.54 -16.23 13.46
CA ALA D 283 4.57 -15.23 13.22
C ALA D 283 4.97 -15.30 11.76
N GLU D 284 5.63 -14.25 11.30
CA GLU D 284 6.16 -14.24 9.95
C GLU D 284 7.41 -13.36 9.90
N LEU D 285 8.42 -13.84 9.20
CA LEU D 285 9.63 -13.09 8.94
C LEU D 285 9.51 -12.46 7.55
N VAL D 286 9.59 -11.13 7.51
CA VAL D 286 9.43 -10.38 6.27
C VAL D 286 10.80 -9.80 5.90
N VAL D 287 11.22 -10.08 4.67
CA VAL D 287 12.48 -9.59 4.12
C VAL D 287 12.17 -8.60 3.02
N THR D 288 12.80 -7.43 3.08
CA THR D 288 12.60 -6.37 2.10
C THR D 288 13.93 -5.82 1.65
N ARG D 289 13.96 -5.31 0.42
CA ARG D 289 15.14 -4.66 -0.13
C ARG D 289 14.87 -3.16 -0.22
N VAL D 290 15.74 -2.38 0.40
CA VAL D 290 15.71 -0.93 0.31
C VAL D 290 17.07 -0.49 -0.19
N ALA D 291 17.11 0.08 -1.39
CA ALA D 291 18.36 0.48 -2.05
C ALA D 291 19.29 -0.71 -2.23
N GLY D 292 18.73 -1.85 -2.60
CA GLY D 292 19.54 -3.03 -2.85
C GLY D 292 20.16 -3.63 -1.61
N ILE D 293 19.58 -3.36 -0.44
CA ILE D 293 20.08 -3.86 0.83
C ILE D 293 18.93 -4.57 1.53
N TYR D 294 19.20 -5.79 2.01
CA TYR D 294 18.18 -6.64 2.60
C TYR D 294 17.96 -6.28 4.07
N ARG D 295 16.71 -6.09 4.44
CA ARG D 295 16.31 -5.88 5.83
C ARG D 295 15.29 -6.94 6.21
N ALA D 296 15.31 -7.34 7.48
CA ALA D 296 14.42 -8.37 7.98
C ALA D 296 13.68 -7.88 9.21
N LYS D 297 12.46 -8.38 9.39
CA LYS D 297 11.65 -7.99 10.54
C LYS D 297 10.69 -9.13 10.86
N LEU D 298 10.59 -9.47 12.14
CA LEU D 298 9.75 -10.58 12.58
C LEU D 298 8.48 -10.03 13.23
N CYS D 299 7.33 -10.35 12.66
CA CYS D 299 6.05 -9.88 13.15
C CYS D 299 5.31 -11.05 13.79
N VAL D 300 4.94 -10.90 15.06
CA VAL D 300 4.27 -11.93 15.83
C VAL D 300 2.85 -11.48 16.10
N THR D 301 1.88 -12.32 15.75
CA THR D 301 0.46 -11.99 15.88
C THR D 301 -0.09 -12.61 17.16
N ALA D 302 -0.82 -11.82 17.93
CA ALA D 302 -1.40 -12.28 19.18
C ALA D 302 -2.86 -11.84 19.28
N ARG D 303 -3.64 -12.62 20.01
CA ARG D 303 -5.06 -12.35 20.21
C ARG D 303 -5.28 -11.92 21.66
N ILE D 304 -5.46 -10.62 21.87
CA ILE D 304 -5.61 -10.04 23.20
C ILE D 304 -7.05 -9.60 23.40
N GLY D 305 -7.43 -9.46 24.66
CA GLY D 305 -8.77 -9.04 25.00
C GLY D 305 -9.04 -7.60 24.63
N ASP D 306 -10.33 -7.28 24.56
CA ASP D 306 -10.78 -5.97 24.12
C ASP D 306 -10.72 -4.95 25.28
N THR D 307 -10.72 -3.68 24.90
CA THR D 307 -10.69 -2.57 25.86
C THR D 307 -12.11 -2.07 26.09
N GLU D 308 -12.42 -1.76 27.34
CA GLU D 308 -13.75 -1.27 27.69
C GLU D 308 -13.99 0.07 27.00
N PRO D 309 -15.14 0.25 26.33
CA PRO D 309 -15.38 1.50 25.62
C PRO D 309 -15.51 2.69 26.55
N VAL D 310 -15.10 3.85 26.04
CA VAL D 310 -15.21 5.08 26.82
C VAL D 310 -16.67 5.54 26.87
N THR D 311 -16.98 6.36 27.86
CA THR D 311 -18.35 6.81 28.04
C THR D 311 -18.43 8.34 28.12
N SER D 312 -17.37 8.99 28.54
CA SER D 312 -17.35 10.43 28.73
C SER D 312 -16.17 11.04 27.99
N GLY D 313 -16.34 12.29 27.56
CA GLY D 313 -15.29 13.01 26.89
C GLY D 313 -15.80 13.93 25.80
N PRO D 314 -14.97 14.88 25.39
CA PRO D 314 -15.37 15.80 24.31
C PRO D 314 -15.50 15.07 22.99
N THR D 315 -16.37 15.60 22.13
CA THR D 315 -16.54 15.11 20.77
C THR D 315 -15.65 15.90 19.83
N VAL D 316 -14.85 15.20 19.03
CA VAL D 316 -13.92 15.81 18.10
C VAL D 316 -14.32 15.42 16.68
N ALA D 317 -14.52 16.43 15.84
CA ALA D 317 -14.86 16.24 14.43
C ALA D 317 -13.67 16.62 13.57
N LEU D 318 -13.34 15.77 12.61
CA LEU D 318 -12.18 15.93 11.76
C LEU D 318 -12.59 16.02 10.30
N HIS D 319 -11.94 16.91 9.55
CA HIS D 319 -12.20 17.10 8.13
C HIS D 319 -10.87 17.12 7.38
N LEU D 320 -10.86 16.54 6.18
CA LEU D 320 -9.64 16.33 5.42
C LEU D 320 -9.56 17.28 4.23
N GLY D 321 -8.37 17.84 4.02
CA GLY D 321 -8.07 18.67 2.87
C GLY D 321 -6.57 18.69 2.68
N TRP D 322 -6.14 19.23 1.54
CA TRP D 322 -4.72 19.35 1.24
C TRP D 322 -4.41 20.72 0.65
N ARG D 323 -4.95 21.76 1.27
CA ARG D 323 -4.63 23.12 0.86
C ARG D 323 -3.22 23.48 1.29
N SER D 324 -2.63 24.45 0.59
CA SER D 324 -1.25 24.84 0.84
C SER D 324 -1.20 26.08 1.73
N THR D 325 -0.24 26.08 2.65
CA THR D 325 -0.03 27.18 3.57
C THR D 325 1.46 27.49 3.60
N GLU D 326 1.80 28.72 3.98
CA GLU D 326 3.20 29.15 3.98
C GLU D 326 4.06 28.32 4.91
N GLU D 327 3.46 27.62 5.88
CA GLU D 327 4.20 26.79 6.82
C GLU D 327 4.01 25.30 6.56
N GLY D 328 3.55 24.94 5.36
CA GLY D 328 3.33 23.56 5.01
C GLY D 328 1.90 23.30 4.58
N THR D 329 1.67 22.06 4.18
CA THR D 329 0.33 21.66 3.74
C THR D 329 -0.58 21.47 4.94
N ALA D 330 -1.70 22.18 4.95
CA ALA D 330 -2.71 22.03 6.01
C ALA D 330 -3.54 20.82 5.67
N VAL D 331 -3.27 19.70 6.34
CA VAL D 331 -3.86 18.43 5.96
C VAL D 331 -5.22 18.17 6.60
N ALA D 332 -5.55 18.83 7.71
CA ALA D 332 -6.84 18.55 8.33
C ALA D 332 -7.32 19.77 9.11
N THR D 333 -8.60 19.74 9.45
CA THR D 333 -9.24 20.75 10.28
C THR D 333 -10.13 20.07 11.30
N TRP D 334 -9.93 20.39 12.58
CA TRP D 334 -10.66 19.71 13.64
C TRP D 334 -11.39 20.72 14.51
N ARG D 335 -12.55 20.31 15.01
CA ARG D 335 -13.33 21.09 15.96
C ARG D 335 -13.74 20.19 17.11
N SER D 336 -13.91 20.77 18.29
CA SER D 336 -14.19 20.00 19.49
C SER D 336 -15.37 20.59 20.23
N ASP D 337 -16.14 19.69 20.88
CA ASP D 337 -17.27 20.12 21.68
C ASP D 337 -16.83 20.74 23.01
N ALA D 338 -15.72 20.26 23.56
CA ALA D 338 -15.14 20.78 24.78
C ALA D 338 -13.64 20.95 24.56
N PRO D 339 -13.00 21.85 25.31
CA PRO D 339 -11.58 22.10 25.08
C PRO D 339 -10.73 20.85 25.24
N LEU D 340 -9.69 20.74 24.42
CA LEU D 340 -8.76 19.64 24.44
C LEU D 340 -7.44 20.08 25.04
N ASP D 341 -6.60 19.10 25.39
CA ASP D 341 -5.27 19.34 25.91
C ASP D 341 -4.25 18.75 24.95
N ILE D 342 -3.46 19.61 24.32
CA ILE D 342 -2.46 19.20 23.34
C ILE D 342 -1.09 19.36 23.98
N PRO D 343 -0.19 18.38 23.84
CA PRO D 343 1.17 18.55 24.37
C PRO D 343 1.89 19.70 23.69
N PHE D 344 2.81 20.31 24.43
CA PHE D 344 3.53 21.46 23.88
C PHE D 344 4.43 21.08 22.73
N GLY D 345 4.90 19.83 22.70
CA GLY D 345 5.75 19.39 21.60
C GLY D 345 5.02 19.19 20.29
N LEU D 346 3.69 19.25 20.30
CA LEU D 346 2.87 19.08 19.11
C LEU D 346 2.14 20.35 18.71
N ARG D 347 2.37 21.46 19.42
CA ARG D 347 1.59 22.66 19.18
C ARG D 347 1.91 23.32 17.84
N THR D 348 3.06 23.01 17.26
CA THR D 348 3.41 23.54 15.94
C THR D 348 2.86 22.69 14.81
N VAL D 349 2.30 21.52 15.10
CA VAL D 349 1.72 20.64 14.10
C VAL D 349 0.20 20.58 14.24
N MET D 350 -0.29 20.34 15.44
CA MET D 350 -1.73 20.32 15.71
C MET D 350 -2.09 21.67 16.33
N ARG D 351 -2.30 22.65 15.47
CA ARG D 351 -2.61 24.00 15.94
C ARG D 351 -3.95 24.03 16.66
N VAL D 352 -4.06 24.95 17.62
CA VAL D 352 -5.28 25.14 18.39
C VAL D 352 -5.56 26.62 18.52
N ASP D 353 -6.82 26.95 18.75
CA ASP D 353 -7.21 28.35 18.93
C ASP D 353 -7.18 28.71 20.41
N ALA D 354 -7.50 29.98 20.71
CA ALA D 354 -7.45 30.44 22.09
C ALA D 354 -8.45 29.69 22.96
N ALA D 355 -9.67 29.48 22.46
CA ALA D 355 -10.68 28.74 23.22
C ALA D 355 -10.30 27.28 23.38
N GLY D 356 -9.51 26.72 22.47
CA GLY D 356 -9.12 25.34 22.54
C GLY D 356 -10.07 24.36 21.89
N THR D 357 -11.11 24.84 21.22
CA THR D 357 -12.12 23.97 20.62
C THR D 357 -11.99 23.84 19.12
N SER D 358 -11.01 24.48 18.50
CA SER D 358 -10.85 24.43 17.05
C SER D 358 -9.38 24.46 16.69
N GLY D 359 -9.05 23.93 15.52
CA GLY D 359 -7.66 23.96 15.10
C GLY D 359 -7.50 23.36 13.72
N ILE D 360 -6.27 23.48 13.22
CA ILE D 360 -5.86 22.98 11.92
C ILE D 360 -4.62 22.12 12.10
N ILE D 361 -4.56 21.01 11.39
CA ILE D 361 -3.41 20.12 11.40
C ILE D 361 -2.64 20.32 10.11
N VAL D 362 -1.40 20.78 10.23
CA VAL D 362 -0.52 21.07 9.09
C VAL D 362 0.71 20.19 9.19
N VAL D 363 1.36 20.02 8.05
CA VAL D 363 2.56 19.19 7.93
C VAL D 363 3.78 20.10 7.81
N PRO D 364 4.86 19.84 8.54
CA PRO D 364 6.04 20.71 8.43
C PRO D 364 6.61 20.72 7.02
N ALA D 365 7.16 21.87 6.63
CA ALA D 365 7.74 22.03 5.30
C ALA D 365 9.03 21.24 5.13
N THR D 366 9.65 20.79 6.23
CA THR D 366 10.87 20.00 6.12
C THR D 366 10.63 18.69 5.39
N ILE D 367 9.45 18.10 5.56
CA ILE D 367 9.12 16.87 4.83
C ILE D 367 9.13 17.12 3.33
N GLU D 368 8.48 18.20 2.90
CA GLU D 368 8.45 18.53 1.48
C GLU D 368 9.85 18.85 0.97
N ARG D 369 10.66 19.55 1.76
CA ARG D 369 12.03 19.85 1.34
C ARG D 369 12.84 18.58 1.14
N ARG D 370 12.71 17.62 2.06
CA ARG D 370 13.42 16.35 1.93
C ARG D 370 12.94 15.55 0.72
N LEU D 371 11.64 15.54 0.45
CA LEU D 371 11.14 14.84 -0.72
C LEU D 371 11.63 15.49 -2.01
N THR D 372 11.68 16.82 -2.05
CA THR D 372 12.26 17.51 -3.20
C THR D 372 13.74 17.16 -3.36
N ARG D 373 14.46 17.02 -2.25
CA ARG D 373 15.85 16.59 -2.33
C ARG D 373 15.95 15.21 -2.96
N THR D 374 15.06 14.29 -2.58
CA THR D 374 15.08 12.96 -3.20
C THR D 374 14.81 13.05 -4.70
N GLU D 375 13.89 13.93 -5.10
CA GLU D 375 13.62 14.09 -6.53
C GLU D 375 14.85 14.61 -7.28
N ASN D 376 15.55 15.59 -6.69
CA ASN D 376 16.78 16.08 -7.31
C ASN D 376 17.82 14.98 -7.44
N ILE D 377 17.93 14.14 -6.40
CA ILE D 377 18.88 13.03 -6.46
C ILE D 377 18.52 12.07 -7.58
N ALA D 378 17.23 11.80 -7.76
CA ALA D 378 16.80 10.93 -8.85
C ALA D 378 17.15 11.52 -10.21
N SER D 379 16.96 12.83 -10.38
CA SER D 379 17.34 13.47 -11.63
C SER D 379 18.83 13.32 -11.91
N SER D 380 19.67 13.57 -10.89
CA SER D 380 21.11 13.44 -11.08
C SER D 380 21.50 12.01 -11.42
N ARG D 381 20.86 11.05 -10.75
CA ARG D 381 21.13 9.64 -11.03
C ARG D 381 20.82 9.30 -12.47
N SER D 382 19.66 9.75 -12.97
CA SER D 382 19.29 9.45 -14.35
C SER D 382 20.26 10.09 -15.34
N LEU D 383 20.68 11.32 -15.08
CA LEU D 383 21.63 11.97 -15.99
C LEU D 383 22.96 11.21 -16.03
N ALA D 384 23.46 10.81 -14.86
CA ALA D 384 24.73 10.07 -14.82
C ALA D 384 24.59 8.72 -15.51
N LEU D 385 23.44 8.05 -15.34
CA LEU D 385 23.22 6.78 -16.00
C LEU D 385 23.22 6.94 -17.52
N ASP D 386 22.57 7.99 -18.02
CA ASP D 386 22.56 8.22 -19.47
C ASP D 386 23.96 8.50 -19.99
N ALA D 387 24.75 9.28 -19.26
CA ALA D 387 26.13 9.53 -19.69
C ALA D 387 26.93 8.23 -19.74
N LEU D 388 26.75 7.37 -18.73
CA LEU D 388 27.44 6.09 -18.73
C LEU D 388 27.00 5.22 -19.90
N ARG D 389 25.70 5.23 -20.21
CA ARG D 389 25.21 4.47 -21.36
C ARG D 389 25.88 4.92 -22.65
N ASP D 390 25.96 6.24 -22.84
CA ASP D 390 26.61 6.75 -24.06
C ASP D 390 28.07 6.32 -24.12
N LYS D 391 28.80 6.46 -23.01
CA LYS D 391 30.22 6.11 -23.01
C LYS D 391 30.43 4.62 -23.27
N VAL D 392 29.61 3.77 -22.65
CA VAL D 392 29.74 2.33 -22.84
C VAL D 392 29.42 1.94 -24.26
N VAL D 393 28.36 2.52 -24.85
CA VAL D 393 28.03 2.22 -26.24
C VAL D 393 29.15 2.64 -27.17
N GLY D 394 29.72 3.83 -26.94
CA GLY D 394 30.83 4.27 -27.77
C GLY D 394 32.02 3.34 -27.68
N TRP D 395 32.40 2.97 -26.46
CA TRP D 395 33.54 2.06 -26.28
C TRP D 395 33.27 0.72 -26.93
N LEU D 396 32.05 0.21 -26.81
CA LEU D 396 31.71 -1.06 -27.45
C LEU D 396 31.84 -0.96 -28.96
N SER D 397 31.38 0.15 -29.54
CA SER D 397 31.46 0.31 -30.99
C SER D 397 32.91 0.40 -31.45
N ASP D 398 33.75 1.13 -30.72
CA ASP D 398 35.11 1.40 -31.17
C ASP D 398 36.15 0.40 -30.66
N ASN D 399 35.78 -0.51 -29.76
CA ASN D 399 36.74 -1.44 -29.19
C ASN D 399 36.19 -2.86 -29.27
N ASP D 400 37.04 -3.82 -28.88
CA ASP D 400 36.63 -5.21 -28.84
C ASP D 400 35.65 -5.45 -27.70
N ALA D 401 34.83 -6.50 -27.85
CA ALA D 401 33.79 -6.80 -26.88
C ALA D 401 34.11 -8.10 -26.15
N PRO D 402 34.62 -8.05 -24.93
CA PRO D 402 34.80 -9.27 -24.14
C PRO D 402 33.45 -9.92 -23.86
N THR D 403 33.48 -11.24 -23.68
CA THR D 403 32.23 -11.99 -23.51
C THR D 403 31.55 -11.61 -22.21
N TYR D 404 30.27 -11.28 -22.30
CA TYR D 404 29.42 -11.04 -21.14
C TYR D 404 28.23 -11.98 -21.22
N ARG D 405 27.94 -12.66 -20.10
CA ARG D 405 26.93 -13.72 -20.07
C ARG D 405 27.24 -14.80 -21.10
N ASP D 406 28.52 -15.11 -21.26
CA ASP D 406 28.99 -16.10 -22.22
C ASP D 406 28.51 -15.78 -23.64
N ALA D 407 28.54 -14.49 -24.00
CA ALA D 407 28.13 -14.06 -25.32
C ALA D 407 28.77 -12.70 -25.60
N PRO D 408 29.04 -12.38 -26.85
CA PRO D 408 29.58 -11.06 -27.17
C PRO D 408 28.58 -9.96 -26.86
N LEU D 409 29.10 -8.78 -26.54
CA LEU D 409 28.27 -7.62 -26.23
C LEU D 409 28.01 -6.82 -27.50
N GLU D 410 26.74 -6.67 -27.85
CA GLU D 410 26.33 -5.97 -29.06
C GLU D 410 25.74 -4.63 -28.69
N ALA D 411 26.09 -3.60 -29.47
CA ALA D 411 25.69 -2.24 -29.14
C ALA D 411 24.17 -2.07 -29.14
N ALA D 412 23.47 -2.90 -29.90
CA ALA D 412 22.00 -2.83 -29.91
C ALA D 412 21.44 -3.16 -28.53
N THR D 413 22.04 -4.14 -27.85
CA THR D 413 21.56 -4.52 -26.53
C THR D 413 21.89 -3.45 -25.49
N VAL D 414 23.12 -2.93 -25.51
CA VAL D 414 23.54 -1.96 -24.52
C VAL D 414 22.81 -0.64 -24.70
N LYS D 415 22.56 -0.24 -25.95
CA LYS D 415 21.90 1.02 -26.21
C LYS D 415 20.49 1.04 -25.64
N GLN D 416 19.78 -0.08 -25.73
CA GLN D 416 18.40 -0.16 -25.26
C GLN D 416 18.29 -0.44 -23.77
N TRP D 417 19.41 -0.57 -23.06
CA TRP D 417 19.36 -0.74 -21.62
C TRP D 417 18.80 0.52 -20.96
N LYS D 418 17.84 0.33 -20.07
CA LYS D 418 17.19 1.45 -19.41
C LYS D 418 17.29 1.39 -17.89
N SER D 419 17.16 0.21 -17.29
CA SER D 419 17.31 0.10 -15.86
C SER D 419 18.79 0.13 -15.46
N PRO D 420 19.11 0.65 -14.28
CA PRO D 420 20.50 0.59 -13.80
C PRO D 420 20.92 -0.80 -13.37
N GLN D 421 19.99 -1.75 -13.24
CA GLN D 421 20.35 -3.09 -12.83
C GLN D 421 21.24 -3.77 -13.87
N ARG D 422 20.95 -3.57 -15.14
CA ARG D 422 21.78 -4.15 -16.19
C ARG D 422 23.20 -3.62 -16.12
N PHE D 423 23.36 -2.31 -15.92
CA PHE D 423 24.69 -1.74 -15.83
C PHE D 423 25.42 -2.19 -14.56
N ALA D 424 24.68 -2.35 -13.45
CA ALA D 424 25.29 -2.87 -12.24
C ALA D 424 25.79 -4.30 -12.46
N SER D 425 24.99 -5.13 -13.14
CA SER D 425 25.41 -6.50 -13.44
C SER D 425 26.64 -6.51 -14.34
N LEU D 426 26.64 -5.65 -15.37
CA LEU D 426 27.80 -5.59 -16.25
C LEU D 426 29.05 -5.11 -15.52
N ALA D 427 28.88 -4.17 -14.58
CA ALA D 427 30.01 -3.73 -13.78
C ALA D 427 30.53 -4.84 -12.89
N HIS D 428 29.63 -5.64 -12.31
CA HIS D 428 30.06 -6.76 -11.48
C HIS D 428 30.80 -7.81 -12.29
N ALA D 429 30.24 -8.19 -13.45
CA ALA D 429 30.84 -9.24 -14.26
C ALA D 429 32.20 -8.82 -14.79
N TRP D 430 32.34 -7.58 -15.26
CA TRP D 430 33.59 -7.08 -15.79
C TRP D 430 34.42 -6.37 -14.74
N LYS D 431 34.22 -6.70 -13.46
CA LYS D 431 35.02 -6.08 -12.41
C LYS D 431 36.49 -6.42 -12.57
N ASP D 432 36.79 -7.66 -12.95
CA ASP D 432 38.15 -8.09 -13.23
C ASP D 432 38.45 -8.15 -14.72
N ASN D 433 37.72 -7.40 -15.54
CA ASN D 433 37.91 -7.38 -16.98
C ASN D 433 39.32 -6.93 -17.35
N GLY D 434 39.81 -5.90 -16.68
CA GLY D 434 41.12 -5.35 -16.95
C GLY D 434 41.17 -4.33 -18.06
N THR D 435 40.07 -4.09 -18.76
CA THR D 435 40.02 -3.06 -19.79
C THR D 435 39.73 -1.71 -19.15
N GLU D 436 39.70 -0.64 -19.94
CA GLU D 436 39.36 0.67 -19.42
C GLU D 436 37.87 0.82 -19.15
N ILE D 437 37.01 0.21 -19.98
CA ILE D 437 35.58 0.26 -19.76
C ILE D 437 35.17 -0.44 -18.47
N SER D 438 36.08 -1.14 -17.81
CA SER D 438 35.81 -1.70 -16.50
C SER D 438 35.99 -0.68 -15.38
N ASP D 439 36.86 0.31 -15.58
CA ASP D 439 37.00 1.38 -14.60
C ASP D 439 35.82 2.33 -14.69
N ILE D 440 35.55 2.84 -15.90
CA ILE D 440 34.46 3.78 -16.11
C ILE D 440 33.14 3.20 -15.64
N LEU D 441 32.96 1.90 -15.78
CA LEU D 441 31.74 1.21 -15.40
C LEU D 441 31.69 0.88 -13.91
N TRP D 442 32.82 0.93 -13.20
CA TRP D 442 32.83 0.73 -11.76
C TRP D 442 32.77 2.05 -11.01
N ALA D 443 33.53 3.06 -11.44
CA ALA D 443 33.46 4.37 -10.81
C ALA D 443 32.04 4.92 -10.82
N TRP D 444 31.25 4.54 -11.82
CA TRP D 444 29.82 4.85 -11.79
C TRP D 444 29.12 4.07 -10.69
N PHE D 445 29.22 2.73 -10.75
CA PHE D 445 28.40 1.88 -9.88
C PHE D 445 28.58 2.24 -8.42
N SER D 446 29.84 2.33 -7.96
CA SER D 446 30.10 2.69 -6.58
C SER D 446 29.37 3.97 -6.21
N LEU D 447 29.52 5.02 -7.03
CA LEU D 447 28.83 6.26 -6.74
C LEU D 447 27.32 6.06 -6.73
N ASP D 448 26.81 5.30 -7.70
CA ASP D 448 25.37 5.07 -7.74
C ASP D 448 24.89 4.23 -6.57
N ARG D 449 25.79 3.51 -5.88
CA ARG D 449 25.35 2.79 -4.71
C ARG D 449 25.27 3.68 -3.48
N LYS D 450 25.86 4.88 -3.54
CA LYS D 450 25.75 5.84 -2.45
C LYS D 450 24.56 6.79 -2.65
N GLN D 451 24.36 7.24 -3.89
CA GLN D 451 23.22 8.13 -4.17
C GLN D 451 21.91 7.38 -4.05
N TRP D 452 21.83 6.18 -4.63
CA TRP D 452 20.59 5.41 -4.61
C TRP D 452 20.06 5.30 -3.20
N ALA D 453 20.91 4.87 -2.27
CA ALA D 453 20.50 4.74 -0.87
C ALA D 453 19.87 6.03 -0.38
N GLN D 454 20.57 7.15 -0.56
CA GLN D 454 20.02 8.43 -0.14
C GLN D 454 18.64 8.62 -0.75
N GLN D 455 18.54 8.49 -2.08
CA GLN D 455 17.28 8.74 -2.76
C GLN D 455 16.16 7.93 -2.15
N GLU D 456 16.48 6.70 -1.71
CA GLU D 456 15.46 5.94 -1.01
C GLU D 456 15.46 6.28 0.48
N ASN D 457 16.62 6.20 1.13
CA ASN D 457 16.65 6.22 2.58
C ASN D 457 16.04 7.50 3.12
N GLY D 458 16.54 8.65 2.66
CA GLY D 458 15.98 9.91 3.10
C GLY D 458 14.49 9.98 2.88
N ARG D 459 14.03 9.54 1.71
CA ARG D 459 12.60 9.54 1.44
C ARG D 459 11.86 8.81 2.54
N ARG D 460 12.29 7.59 2.86
CA ARG D 460 11.62 6.83 3.90
C ARG D 460 11.56 7.64 5.19
N LYS D 461 12.70 8.22 5.58
CA LYS D 461 12.73 9.00 6.81
C LYS D 461 11.63 10.05 6.78
N ALA D 462 11.58 10.82 5.68
CA ALA D 462 10.56 11.87 5.58
C ALA D 462 9.19 11.28 5.79
N LEU D 463 8.86 10.24 5.03
CA LEU D 463 7.54 9.63 5.16
C LEU D 463 7.34 9.14 6.58
N GLY D 464 8.35 8.45 7.13
CA GLY D 464 8.24 7.97 8.49
C GLY D 464 7.94 9.10 9.44
N HIS D 465 8.69 10.21 9.30
CA HIS D 465 8.45 11.35 10.16
C HIS D 465 6.98 11.75 10.12
N ARG D 466 6.46 11.94 8.91
CA ARG D 466 5.06 12.33 8.77
C ARG D 466 4.16 11.32 9.47
N ASP D 467 4.36 10.03 9.16
CA ASP D 467 3.52 9.01 9.77
C ASP D 467 3.61 9.08 11.28
N ASP D 468 4.83 9.21 11.80
CA ASP D 468 5.01 9.29 13.24
C ASP D 468 4.15 10.40 13.82
N LEU D 469 4.24 11.60 13.24
CA LEU D 469 3.47 12.72 13.75
C LEU D 469 1.99 12.38 13.75
N TYR D 470 1.50 11.80 12.64
CA TYR D 470 0.09 11.45 12.57
C TYR D 470 -0.29 10.54 13.72
N ARG D 471 0.51 9.51 13.97
CA ARG D 471 0.21 8.61 15.06
C ARG D 471 0.19 9.36 16.38
N GLN D 472 1.18 10.22 16.60
CA GLN D 472 1.18 11.05 17.80
C GLN D 472 -0.12 11.79 17.93
N ILE D 473 -0.54 12.46 16.85
CA ILE D 473 -1.80 13.20 16.89
C ILE D 473 -2.93 12.28 17.28
N ALA D 474 -3.04 11.13 16.60
CA ALA D 474 -4.11 10.20 16.90
C ALA D 474 -4.12 9.85 18.37
N ALA D 475 -2.92 9.59 18.92
CA ALA D 475 -2.82 9.21 20.32
C ALA D 475 -3.53 10.21 21.20
N VAL D 476 -3.21 11.50 21.04
CA VAL D 476 -3.75 12.49 21.96
C VAL D 476 -5.26 12.52 21.88
N ILE D 477 -5.82 12.36 20.67
CA ILE D 477 -7.27 12.38 20.54
C ILE D 477 -7.87 11.22 21.31
N SER D 478 -7.28 10.02 21.15
CA SER D 478 -7.80 8.86 21.87
C SER D 478 -7.61 9.01 23.37
N ASP D 479 -6.72 9.90 23.80
CA ASP D 479 -6.55 10.13 25.23
C ASP D 479 -7.67 10.96 25.83
N GLN D 480 -8.40 11.72 25.01
CA GLN D 480 -9.43 12.59 25.57
C GLN D 480 -10.80 12.41 24.95
N ALA D 481 -10.85 12.14 23.65
CA ALA D 481 -12.13 12.20 22.94
C ALA D 481 -13.07 11.09 23.39
N GLY D 482 -14.30 11.47 23.72
CA GLY D 482 -15.35 10.50 23.99
C GLY D 482 -16.13 10.09 22.78
N HIS D 483 -15.88 10.72 21.64
CA HIS D 483 -16.52 10.43 20.37
C HIS D 483 -15.78 11.18 19.27
N VAL D 484 -15.53 10.51 18.16
CA VAL D 484 -14.80 11.08 17.04
C VAL D 484 -15.63 10.94 15.78
N LEU D 485 -15.74 12.01 15.01
CA LEU D 485 -16.47 12.03 13.76
C LEU D 485 -15.51 12.22 12.60
N VAL D 486 -15.70 11.42 11.54
CA VAL D 486 -14.87 11.50 10.35
C VAL D 486 -15.78 11.61 9.13
N ASP D 487 -15.36 12.43 8.17
CA ASP D 487 -16.11 12.57 6.92
C ASP D 487 -15.93 11.32 6.06
N ASP D 488 -16.90 11.11 5.16
CA ASP D 488 -16.85 9.98 4.24
C ASP D 488 -16.18 10.33 2.91
N THR D 489 -15.28 11.30 2.92
CA THR D 489 -14.54 11.64 1.71
C THR D 489 -13.72 10.44 1.24
N SER D 490 -13.82 10.12 -0.03
CA SER D 490 -13.06 9.02 -0.64
C SER D 490 -11.88 9.63 -1.38
N VAL D 491 -10.69 9.57 -0.75
CA VAL D 491 -9.50 10.11 -1.38
C VAL D 491 -9.13 9.30 -2.62
N ALA D 492 -9.37 7.99 -2.59
CA ALA D 492 -9.02 7.15 -3.73
C ALA D 492 -9.83 7.50 -4.96
N GLU D 493 -11.14 7.68 -4.79
CA GLU D 493 -12.00 8.04 -5.92
C GLU D 493 -11.61 9.40 -6.50
N LEU D 494 -11.33 10.37 -5.63
CA LEU D 494 -10.89 11.68 -6.09
C LEU D 494 -9.57 11.58 -6.84
N SER D 495 -8.62 10.80 -6.31
CA SER D 495 -7.34 10.65 -6.99
C SER D 495 -7.52 10.02 -8.36
N ALA D 496 -8.37 9.00 -8.46
CA ALA D 496 -8.58 8.32 -9.74
C ALA D 496 -9.22 9.25 -10.76
N ARG D 497 -10.22 10.03 -10.36
CA ARG D 497 -10.98 10.83 -11.31
C ARG D 497 -10.47 12.26 -11.45
N ALA D 498 -9.41 12.64 -10.73
CA ALA D 498 -8.94 14.03 -10.80
C ALA D 498 -8.30 14.35 -12.13
N MET D 499 -7.43 13.46 -12.63
CA MET D 499 -6.61 13.79 -13.79
C MET D 499 -7.39 13.84 -15.10
N GLU D 500 -8.63 13.38 -15.12
CA GLU D 500 -9.39 13.32 -16.36
C GLU D 500 -10.44 14.41 -16.52
N ARG D 501 -10.96 14.97 -15.42
CA ARG D 501 -11.99 16.01 -15.51
C ARG D 501 -11.53 17.30 -14.88
N THR D 502 -10.23 17.51 -14.73
CA THR D 502 -9.74 18.78 -14.20
C THR D 502 -9.92 19.89 -15.22
N GLU D 503 -10.22 21.08 -14.74
CA GLU D 503 -10.28 22.26 -15.58
C GLU D 503 -8.96 23.00 -15.67
N LEU D 504 -7.99 22.62 -14.85
CA LEU D 504 -6.66 23.22 -14.80
C LEU D 504 -5.75 22.57 -15.84
N PRO D 505 -4.62 23.21 -16.16
CA PRO D 505 -3.63 22.56 -17.01
C PRO D 505 -3.08 21.30 -16.35
N THR D 506 -2.38 20.51 -17.15
CA THR D 506 -1.85 19.24 -16.66
C THR D 506 -0.85 19.44 -15.53
N GLU D 507 0.02 20.44 -15.65
CA GLU D 507 1.09 20.63 -14.67
C GLU D 507 0.53 21.07 -13.32
N VAL D 508 -0.47 21.96 -13.33
CA VAL D 508 -1.06 22.41 -12.07
C VAL D 508 -1.74 21.25 -11.35
N GLN D 509 -2.47 20.43 -12.10
CA GLN D 509 -3.11 19.25 -11.50
C GLN D 509 -2.07 18.27 -11.00
N GLN D 510 -0.96 18.12 -11.72
CA GLN D 510 0.12 17.26 -11.25
C GLN D 510 0.68 17.75 -9.92
N LYS D 511 0.89 19.07 -9.80
CA LYS D 511 1.39 19.62 -8.54
C LYS D 511 0.40 19.41 -7.42
N ILE D 512 -0.89 19.61 -7.70
CA ILE D 512 -1.91 19.41 -6.67
C ILE D 512 -1.94 17.96 -6.21
N ASP D 513 -1.89 17.02 -7.16
CA ASP D 513 -1.90 15.61 -6.82
C ASP D 513 -0.65 15.22 -6.03
N ARG D 514 0.50 15.78 -6.40
CA ARG D 514 1.74 15.52 -5.67
C ARG D 514 1.63 16.03 -4.23
N ARG D 515 1.05 17.23 -4.05
CA ARG D 515 0.87 17.76 -2.70
C ARG D 515 -0.08 16.87 -1.91
N ARG D 516 -1.16 16.40 -2.53
CA ARG D 516 -2.09 15.51 -1.84
C ARG D 516 -1.41 14.22 -1.44
N ASP D 517 -0.56 13.66 -2.32
CA ASP D 517 0.15 12.44 -2.00
C ASP D 517 1.13 12.65 -0.86
N HIS D 518 1.82 13.79 -0.85
CA HIS D 518 2.77 14.06 0.22
C HIS D 518 2.07 14.30 1.55
N ALA D 519 0.87 14.90 1.52
CA ALA D 519 0.12 15.11 2.76
C ALA D 519 -0.49 13.81 3.27
N ALA D 520 -1.03 12.99 2.37
CA ALA D 520 -1.67 11.72 2.68
C ALA D 520 -2.80 11.92 3.68
N PRO D 521 -3.90 12.57 3.30
CA PRO D 521 -5.04 12.70 4.23
C PRO D 521 -5.65 11.37 4.63
N GLY D 522 -5.72 10.42 3.69
CA GLY D 522 -6.30 9.13 4.00
C GLY D 522 -5.53 8.38 5.06
N GLY D 523 -4.20 8.50 5.03
CA GLY D 523 -3.39 7.88 6.07
C GLY D 523 -3.64 8.48 7.44
N LEU D 524 -3.77 9.80 7.51
CA LEU D 524 -4.07 10.45 8.78
C LEU D 524 -5.42 10.00 9.33
N ARG D 525 -6.44 9.96 8.47
CA ARG D 525 -7.75 9.51 8.92
C ARG D 525 -7.70 8.06 9.37
N ALA D 526 -6.97 7.21 8.63
CA ALA D 526 -6.87 5.80 8.99
C ALA D 526 -6.17 5.63 10.33
N SER D 527 -5.10 6.38 10.58
CA SER D 527 -4.41 6.28 11.86
C SER D 527 -5.31 6.74 13.00
N VAL D 528 -6.07 7.81 12.79
CA VAL D 528 -6.99 8.29 13.82
C VAL D 528 -8.03 7.21 14.13
N VAL D 529 -8.60 6.61 13.09
CA VAL D 529 -9.63 5.59 13.29
C VAL D 529 -9.05 4.38 14.00
N ALA D 530 -7.84 3.97 13.62
CA ALA D 530 -7.20 2.82 14.27
C ALA D 530 -6.95 3.09 15.74
N ALA D 531 -6.46 4.28 16.08
CA ALA D 531 -6.23 4.60 17.48
C ALA D 531 -7.53 4.62 18.27
N MET D 532 -8.58 5.19 17.69
CA MET D 532 -9.88 5.21 18.38
C MET D 532 -10.40 3.78 18.58
N THR D 533 -10.26 2.92 17.57
CA THR D 533 -10.71 1.55 17.70
C THR D 533 -9.93 0.82 18.78
N ARG D 534 -8.62 1.01 18.82
CA ARG D 534 -7.80 0.33 19.83
C ARG D 534 -8.14 0.81 21.24
N ASP D 535 -8.39 2.11 21.40
CA ASP D 535 -8.61 2.67 22.73
C ASP D 535 -10.09 2.71 23.12
N GLY D 536 -10.98 2.16 22.31
CA GLY D 536 -12.38 2.03 22.68
C GLY D 536 -13.25 3.24 22.42
N VAL D 537 -12.71 4.27 21.79
CA VAL D 537 -13.51 5.48 21.50
C VAL D 537 -14.43 5.19 20.31
N PRO D 538 -15.71 5.53 20.40
CA PRO D 538 -16.59 5.37 19.25
C PRO D 538 -16.19 6.28 18.10
N VAL D 539 -16.43 5.81 16.88
CA VAL D 539 -16.18 6.58 15.66
C VAL D 539 -17.45 6.60 14.83
N THR D 540 -17.80 7.77 14.30
CA THR D 540 -18.97 7.93 13.46
C THR D 540 -18.54 8.53 12.13
N ILE D 541 -18.93 7.88 11.03
CA ILE D 541 -18.68 8.40 9.70
C ILE D 541 -19.89 9.22 9.29
N VAL D 542 -19.70 10.53 9.17
CA VAL D 542 -20.80 11.44 8.87
C VAL D 542 -20.98 11.52 7.36
N ALA D 543 -22.24 11.45 6.91
CA ALA D 543 -22.56 11.62 5.50
C ALA D 543 -22.33 13.08 5.13
N ALA D 544 -21.17 13.35 4.53
CA ALA D 544 -20.70 14.72 4.33
C ALA D 544 -21.12 15.30 3.00
N ALA D 545 -22.25 14.85 2.44
CA ALA D 545 -22.72 15.38 1.17
C ALA D 545 -23.27 16.79 1.37
N ASP D 546 -22.85 17.70 0.48
CA ASP D 546 -23.38 19.06 0.43
C ASP D 546 -23.06 19.85 1.71
N PHE D 547 -21.80 19.78 2.13
CA PHE D 547 -21.36 20.47 3.33
C PHE D 547 -20.50 21.69 3.06
N THR D 548 -19.59 21.62 2.07
CA THR D 548 -18.83 22.81 1.70
C THR D 548 -19.67 23.83 0.97
N ARG D 549 -20.77 23.41 0.34
CA ARG D 549 -21.67 24.32 -0.34
C ARG D 549 -22.69 24.92 0.61
N THR D 550 -22.68 24.55 1.88
CA THR D 550 -23.61 25.05 2.87
C THR D 550 -22.88 25.98 3.82
N HIS D 551 -23.44 27.16 4.04
CA HIS D 551 -22.89 28.12 5.00
C HIS D 551 -23.49 27.84 6.36
N SER D 552 -22.64 27.66 7.36
CA SER D 552 -23.11 27.28 8.69
C SER D 552 -23.95 28.39 9.32
N ARG D 553 -23.52 29.64 9.19
CA ARG D 553 -24.20 30.74 9.88
C ARG D 553 -25.62 30.93 9.36
N CYS D 554 -25.82 30.86 8.05
CA CYS D 554 -27.12 31.14 7.47
C CYS D 554 -27.87 29.90 7.02
N GLY D 555 -27.19 28.76 6.87
CA GLY D 555 -27.85 27.55 6.44
C GLY D 555 -28.39 27.59 5.03
N HIS D 556 -27.64 28.17 4.09
CA HIS D 556 -28.02 28.24 2.70
C HIS D 556 -27.04 27.43 1.87
N VAL D 557 -27.54 26.80 0.80
CA VAL D 557 -26.74 25.95 -0.07
C VAL D 557 -26.36 26.77 -1.30
N ASN D 558 -25.07 27.05 -1.43
CA ASN D 558 -24.57 27.79 -2.58
C ASN D 558 -24.48 26.88 -3.80
N PRO D 559 -24.58 27.41 -5.01
CA PRO D 559 -24.48 26.57 -6.21
C PRO D 559 -23.06 26.08 -6.43
N ALA D 560 -22.94 24.98 -7.18
CA ALA D 560 -21.64 24.39 -7.47
C ALA D 560 -21.05 25.05 -8.72
N ASP D 561 -20.70 26.33 -8.56
CA ASP D 561 -20.10 27.12 -9.63
C ASP D 561 -18.59 27.28 -9.41
N ASP D 562 -17.92 26.20 -9.02
CA ASP D 562 -16.46 26.08 -8.87
C ASP D 562 -15.85 27.25 -8.11
N ARG D 563 -16.67 27.94 -7.31
CA ARG D 563 -16.15 29.00 -6.44
C ARG D 563 -15.38 28.41 -5.27
N TYR D 564 -15.49 27.11 -5.03
CA TYR D 564 -14.84 26.44 -3.91
C TYR D 564 -13.41 26.05 -4.21
N LEU D 565 -12.82 26.57 -5.28
CA LEU D 565 -11.43 26.30 -5.60
C LEU D 565 -10.46 27.17 -4.82
N SER D 566 -10.95 28.14 -4.05
CA SER D 566 -10.12 29.02 -3.27
C SER D 566 -10.84 29.39 -1.98
N ASN D 567 -10.08 29.88 -1.01
CA ASN D 567 -10.59 30.25 0.29
C ASN D 567 -10.29 31.72 0.58
N PRO D 568 -11.22 32.44 1.22
CA PRO D 568 -12.59 32.03 1.61
C PRO D 568 -13.54 31.93 0.42
N VAL D 569 -14.80 31.63 0.67
CA VAL D 569 -15.80 31.46 -0.39
C VAL D 569 -16.97 32.40 -0.12
N ARG D 570 -17.41 33.06 -1.18
CA ARG D 570 -18.52 33.99 -1.11
C ARG D 570 -19.85 33.23 -1.07
N CYS D 571 -20.72 33.60 -0.14
CA CYS D 571 -22.03 32.99 -0.01
C CYS D 571 -23.09 33.86 -0.66
N ASP D 572 -24.16 33.21 -1.12
CA ASP D 572 -25.27 33.92 -1.76
C ASP D 572 -26.40 34.23 -0.80
N GLY D 573 -26.65 33.35 0.19
CA GLY D 573 -27.73 33.58 1.11
C GLY D 573 -27.52 34.80 1.99
N CYS D 574 -26.31 34.95 2.53
CA CYS D 574 -26.00 36.04 3.43
C CYS D 574 -25.07 37.07 2.81
N GLY D 575 -24.47 36.79 1.66
CA GLY D 575 -23.57 37.75 1.04
C GLY D 575 -22.32 38.02 1.85
N ALA D 576 -21.73 36.98 2.42
CA ALA D 576 -20.51 37.11 3.21
C ALA D 576 -19.55 36.00 2.84
N MET D 577 -18.26 36.26 3.03
CA MET D 577 -17.22 35.29 2.72
C MET D 577 -16.97 34.41 3.93
N TYR D 578 -17.02 33.09 3.73
CA TYR D 578 -16.87 32.12 4.80
C TYR D 578 -15.82 31.09 4.45
N ASP D 579 -15.09 30.63 5.46
CA ASP D 579 -14.17 29.51 5.28
C ASP D 579 -14.97 28.23 5.16
N GLN D 580 -14.61 27.40 4.19
CA GLN D 580 -15.37 26.20 3.85
C GLN D 580 -14.97 24.98 4.65
N ASP D 581 -13.95 25.08 5.51
CA ASP D 581 -13.56 23.97 6.36
C ASP D 581 -14.02 24.14 7.80
N ARG D 582 -13.96 25.35 8.34
CA ARG D 582 -14.60 25.61 9.62
C ARG D 582 -16.10 25.36 9.54
N SER D 583 -16.72 25.78 8.43
CA SER D 583 -18.13 25.48 8.23
C SER D 583 -18.36 23.98 8.12
N PHE D 584 -17.44 23.26 7.47
CA PHE D 584 -17.58 21.81 7.35
C PHE D 584 -17.59 21.14 8.71
N VAL D 585 -16.60 21.47 9.56
CA VAL D 585 -16.53 20.82 10.86
C VAL D 585 -17.69 21.24 11.76
N THR D 586 -18.11 22.51 11.66
CA THR D 586 -19.25 22.96 12.43
C THR D 586 -20.51 22.20 12.02
N LEU D 587 -20.71 22.00 10.72
CA LEU D 587 -21.86 21.25 10.24
C LEU D 587 -21.81 19.79 10.69
N MET D 588 -20.62 19.19 10.67
CA MET D 588 -20.48 17.81 11.14
C MET D 588 -20.84 17.70 12.62
N LEU D 589 -20.33 18.62 13.44
CA LEU D 589 -20.65 18.61 14.86
C LEU D 589 -22.14 18.83 15.10
N ARG D 590 -22.75 19.74 14.35
CA ARG D 590 -24.19 19.96 14.49
C ARG D 590 -24.99 18.73 14.10
N ALA D 591 -24.57 18.05 13.03
CA ALA D 591 -25.28 16.84 12.60
C ALA D 591 -25.17 15.74 13.64
N ALA D 592 -23.98 15.55 14.21
CA ALA D 592 -23.82 14.50 15.21
C ALA D 592 -24.52 14.88 16.51
N THR D 593 -24.36 16.12 16.97
CA THR D 593 -24.96 16.57 18.23
C THR D 593 -26.37 17.07 17.93
N ALA D 594 -27.26 16.12 17.66
CA ALA D 594 -28.66 16.43 17.36
C ALA D 594 -29.59 15.50 18.12
#